data_6GN7
#
_entry.id   6GN7
#
_cell.length_a   67.330
_cell.length_b   120.690
_cell.length_c   208.940
_cell.angle_alpha   90.000
_cell.angle_beta   90.000
_cell.angle_gamma   90.000
#
_symmetry.space_group_name_H-M   'I 2 2 2'
#
loop_
_entity.id
_entity.type
_entity.pdbx_description
1 polymer Prothrombin
2 polymer Prothrombin
3 polymer 'NU172, DNA (26-MER)'
4 branched 'N-acetyl-alpha-neuraminic acid-(2-6)-beta-D-galactopyranose-(1-4)-2-acetamido-2-deoxy-beta-D-glucopyranose-(1-2)-alpha-D-mannopyranose-(1-6)-beta-D-mannopyranose-(1-4)-2-acetamido-2-deoxy-beta-D-glucopyranose-(1-4)-2-acetamido-2-deoxy-beta-D-glucopyranose'
5 non-polymer D-phenylalanyl-N-[(2S,3S)-6-{[amino(iminio)methyl]amino}-1-chloro-2-hydroxyhexan-3-yl]-L-prolinamide
6 non-polymer 'SODIUM ION'
7 non-polymer GLYCEROL
8 water water
#
loop_
_entity_poly.entity_id
_entity_poly.type
_entity_poly.pdbx_seq_one_letter_code
_entity_poly.pdbx_strand_id
1 'polypeptide(L)' TFGSGEADCGLRPLFEKKSLEDKTERELLESYIDGR L
2 'polypeptide(L)'
;IVEGSDAEIGMSPWQVMLFRKSPQELLCGASLISDRWVLTAAHCLLYPPWDKNFTENDLLVRIGKHSRTRYERNIEKISM
LEKIYIHPRYNWRENLDRDIALMKLKKPVAFSDYIHPVCLPDRETAASLLQAGYKGRVTGWGNLKETWTANVGKGQPSVL
QVVNLPIVERPVCKDSTRIRITDNMFCAGYKPDEGKRGDACEGDSGGPFVMKSPFNNRWYQMGIVSWGEGCDRDGKYGFY
THVFRLKKWIQKVIDQFGE
;
H
3 'polydeoxyribonucleotide'
;(DC)(DG)(DC)(DC)(DT)(DA)(DG)(DG)(DT)(DT)(DG)(DG)(DG)(DT)(DA)(DG)(DG)(DG)(DT)(DG)
(DG)(DT)(DG)(DG)(DC)(DG)
;
E
#
loop_
_chem_comp.id
_chem_comp.type
_chem_comp.name
_chem_comp.formula
0G6 peptide-like D-phenylalanyl-N-[(2S,3S)-6-{[amino(iminio)methyl]amino}-1-chloro-2-hydroxyhexan-3-yl]-L-prolinamide 'C21 H34 Cl N6 O3 1'
BMA D-saccharide, beta linking beta-D-mannopyranose 'C6 H12 O6'
DA DNA linking 2'-DEOXYADENOSINE-5'-MONOPHOSPHATE 'C10 H14 N5 O6 P'
DC DNA linking 2'-DEOXYCYTIDINE-5'-MONOPHOSPHATE 'C9 H14 N3 O7 P'
DG DNA linking 2'-DEOXYGUANOSINE-5'-MONOPHOSPHATE 'C10 H14 N5 O7 P'
DT DNA linking THYMIDINE-5'-MONOPHOSPHATE 'C10 H15 N2 O8 P'
GAL D-saccharide, beta linking beta-D-galactopyranose 'C6 H12 O6'
GOL non-polymer GLYCEROL 'C3 H8 O3'
MAN D-saccharide, alpha linking alpha-D-mannopyranose 'C6 H12 O6'
NA non-polymer 'SODIUM ION' 'Na 1'
NAG D-saccharide, beta linking 2-acetamido-2-deoxy-beta-D-glucopyranose 'C8 H15 N O6'
SIA D-saccharide, alpha linking 'N-acetyl-alpha-neuraminic acid' 'C11 H19 N O9'
#
# COMPACT_ATOMS: atom_id res chain seq x y z
N THR A 1 19.66 -9.29 3.96
CA THR A 1 20.25 -7.91 3.92
C THR A 1 19.30 -6.98 3.16
N PHE A 2 19.17 -5.76 3.66
CA PHE A 2 18.28 -4.74 3.10
C PHE A 2 18.55 -4.48 1.62
N GLY A 3 19.83 -4.32 1.28
CA GLY A 3 20.21 -3.98 -0.09
C GLY A 3 20.32 -2.47 -0.20
N SER A 4 20.23 -1.98 -1.43
CA SER A 4 20.38 -0.55 -1.69
C SER A 4 19.05 0.22 -1.59
N GLY A 5 19.14 1.51 -1.26
CA GLY A 5 17.97 2.37 -1.27
C GLY A 5 17.67 3.17 -0.01
N GLU A 6 18.05 2.64 1.14
CA GLU A 6 17.69 3.26 2.40
C GLU A 6 18.10 4.71 2.51
N ALA A 7 19.30 5.01 2.01
CA ALA A 7 19.81 6.36 2.10
C ALA A 7 18.93 7.35 1.36
N ASP A 8 18.49 6.97 0.16
CA ASP A 8 17.71 7.84 -0.70
C ASP A 8 16.21 7.49 -0.72
N CYS A 9 15.76 6.65 0.22
CA CYS A 9 14.37 6.21 0.23
C CYS A 9 13.39 7.39 0.33
N GLY A 10 12.17 7.17 -0.16
CA GLY A 10 11.11 8.17 -0.03
C GLY A 10 11.31 9.48 -0.78
N LEU A 11 12.29 9.54 -1.66
CA LEU A 11 12.53 10.75 -2.44
C LEU A 11 12.31 10.47 -3.92
N ARG A 12 11.20 11.01 -4.43
CA ARG A 12 10.76 10.75 -5.79
C ARG A 12 11.53 11.50 -6.88
N PRO A 13 12.25 10.75 -7.72
CA PRO A 13 13.02 11.26 -8.85
C PRO A 13 12.32 12.39 -9.63
N LEU A 14 11.02 12.27 -9.87
CA LEU A 14 10.33 13.27 -10.67
C LEU A 14 9.64 14.33 -9.82
N PHE A 15 9.95 14.37 -8.54
CA PHE A 15 9.33 15.38 -7.70
C PHE A 15 10.30 15.99 -6.71
N GLU A 16 10.51 15.32 -5.58
CA GLU A 16 11.42 15.84 -4.58
C GLU A 16 12.79 16.16 -5.20
N LYS A 17 13.32 15.25 -6.00
CA LYS A 17 14.62 15.48 -6.63
C LYS A 17 14.65 16.66 -7.58
N LYS A 18 13.47 17.09 -8.04
CA LYS A 18 13.36 18.21 -8.97
C LYS A 18 12.60 19.39 -8.33
N SER A 19 12.65 19.47 -7.01
CA SER A 19 11.92 20.51 -6.30
C SER A 19 10.54 20.74 -6.90
N LEU A 20 9.81 19.65 -7.14
CA LEU A 20 8.45 19.73 -7.69
C LEU A 20 7.42 19.09 -6.75
N GLU A 21 6.29 19.75 -6.60
CA GLU A 21 5.20 19.22 -5.77
C GLU A 21 4.13 18.56 -6.63
N ASP A 22 3.66 17.39 -6.22
CA ASP A 22 2.55 16.77 -6.95
C ASP A 22 1.33 17.63 -6.63
N LYS A 23 0.23 17.37 -7.34
CA LYS A 23 -0.94 18.21 -7.27
C LYS A 23 -1.70 18.14 -5.96
N THR A 24 -1.31 17.25 -5.06
CA THR A 24 -2.09 17.10 -3.85
C THR A 24 -1.32 16.97 -2.54
N GLU A 25 0.01 16.86 -2.61
CA GLU A 25 0.78 16.68 -1.39
C GLU A 25 0.54 17.79 -0.39
N ARG A 26 0.38 19.01 -0.90
CA ARG A 26 0.11 20.16 -0.04
C ARG A 26 -1.02 19.82 0.92
N GLU A 27 -2.02 19.09 0.42
CA GLU A 27 -3.19 18.70 1.20
C GLU A 27 -2.79 17.88 2.44
N LEU A 28 -1.80 17.02 2.27
CA LEU A 28 -1.35 16.19 3.36
C LEU A 28 -0.70 17.08 4.39
N LEU A 29 0.23 17.90 3.92
CA LEU A 29 0.93 18.85 4.77
C LEU A 29 -0.07 19.69 5.57
N GLU A 30 -1.08 20.22 4.90
CA GLU A 30 -2.07 21.05 5.57
C GLU A 30 -2.85 20.31 6.64
N SER A 31 -2.93 18.99 6.51
CA SER A 31 -3.70 18.21 7.47
C SER A 31 -2.92 17.99 8.75
N TYR A 32 -1.61 18.26 8.68
CA TYR A 32 -0.76 18.01 9.84
C TYR A 32 -0.76 19.15 10.84
N ILE A 33 -1.76 20.03 10.75
CA ILE A 33 -1.86 21.21 11.61
C ILE A 33 -3.28 21.42 12.16
N ILE B 1 -9.39 1.66 -5.86
CA ILE B 1 -9.57 2.97 -5.13
C ILE B 1 -10.91 3.58 -5.50
N VAL B 2 -11.74 3.87 -4.51
CA VAL B 2 -13.03 4.46 -4.79
C VAL B 2 -12.97 5.96 -4.57
N GLU B 3 -13.47 6.71 -5.55
CA GLU B 3 -13.50 8.17 -5.47
C GLU B 3 -12.12 8.81 -5.44
N GLY B 4 -11.16 8.15 -6.07
CA GLY B 4 -9.84 8.72 -6.17
C GLY B 4 -9.72 9.42 -7.51
N SER B 5 -8.51 9.49 -8.02
CA SER B 5 -8.23 10.15 -9.27
C SER B 5 -6.98 9.56 -9.90
N ASP B 6 -6.82 9.73 -11.20
CA ASP B 6 -5.67 9.18 -11.88
C ASP B 6 -4.40 9.71 -11.25
N ALA B 7 -3.46 8.82 -11.00
CA ALA B 7 -2.20 9.22 -10.41
C ALA B 7 -1.35 9.89 -11.45
N GLU B 8 -0.46 10.76 -11.00
CA GLU B 8 0.49 11.42 -11.88
C GLU B 8 1.61 10.41 -12.15
N ILE B 9 2.34 10.59 -13.23
CA ILE B 9 3.43 9.70 -13.57
C ILE B 9 4.54 9.84 -12.54
N GLY B 10 5.08 8.71 -12.09
CA GLY B 10 6.18 8.68 -11.11
C GLY B 10 5.83 9.29 -9.76
N MET B 11 4.54 9.40 -9.49
CA MET B 11 4.02 9.97 -8.24
C MET B 11 4.20 9.01 -7.09
N SER B 12 4.17 7.72 -7.41
CA SER B 12 4.26 6.65 -6.42
C SER B 12 5.17 5.55 -6.99
N PRO B 13 6.46 5.86 -7.13
CA PRO B 13 7.42 4.94 -7.75
C PRO B 13 7.69 3.68 -6.95
N TRP B 14 7.14 3.61 -5.75
CA TRP B 14 7.31 2.43 -4.87
C TRP B 14 6.14 1.48 -5.02
N GLN B 15 5.13 1.91 -5.77
CA GLN B 15 3.96 1.10 -6.01
C GLN B 15 4.37 -0.15 -6.80
N VAL B 16 3.83 -1.28 -6.40
CA VAL B 16 4.17 -2.56 -7.02
C VAL B 16 2.91 -3.36 -7.32
N MET B 17 2.92 -4.04 -8.45
CA MET B 17 1.77 -4.85 -8.81
C MET B 17 2.10 -6.31 -8.57
N LEU B 18 1.26 -6.96 -7.78
CA LEU B 18 1.43 -8.35 -7.51
C LEU B 18 0.67 -9.05 -8.64
N PHE B 19 1.37 -9.82 -9.46
CA PHE B 19 0.77 -10.42 -10.65
C PHE B 19 0.85 -11.93 -10.68
N ARG B 20 -0.23 -12.55 -11.14
CA ARG B 20 -0.30 -14.01 -11.23
C ARG B 20 0.11 -14.48 -12.62
N LYS B 21 0.96 -15.51 -12.66
CA LYS B 21 1.46 -16.03 -13.94
C LYS B 21 0.38 -16.69 -14.79
N SER B 22 -0.26 -17.72 -14.26
CA SER B 22 -1.30 -18.41 -15.01
C SER B 22 -2.46 -18.84 -14.12
N PRO B 23 -3.67 -18.32 -14.40
CA PRO B 23 -3.95 -17.35 -15.46
C PRO B 23 -3.31 -16.01 -15.19
N GLN B 24 -3.25 -15.16 -16.20
CA GLN B 24 -2.66 -13.83 -16.02
C GLN B 24 -3.70 -12.90 -15.41
N GLU B 25 -3.48 -12.49 -14.17
CA GLU B 25 -4.38 -11.57 -13.52
C GLU B 25 -3.68 -10.80 -12.41
N LEU B 26 -4.09 -9.55 -12.24
CA LEU B 26 -3.58 -8.71 -11.19
C LEU B 26 -4.14 -9.29 -9.89
N LEU B 27 -3.30 -9.44 -8.88
CA LEU B 27 -3.75 -9.97 -7.60
C LEU B 27 -3.89 -8.90 -6.54
N CYS B 28 -2.86 -8.08 -6.41
CA CYS B 28 -2.81 -7.10 -5.35
C CYS B 28 -1.79 -6.02 -5.60
N GLY B 29 -1.76 -5.09 -4.65
CA GLY B 29 -0.75 -4.07 -4.61
C GLY B 29 0.38 -4.51 -3.71
N ALA B 30 1.41 -3.70 -3.63
CA ALA B 30 2.56 -3.99 -2.83
C ALA B 30 3.46 -2.76 -2.92
N SER B 31 4.51 -2.70 -2.12
CA SER B 31 5.38 -1.54 -2.14
C SER B 31 6.83 -1.97 -2.09
N LEU B 32 7.66 -1.21 -2.77
CA LEU B 32 9.08 -1.50 -2.85
C LEU B 32 9.77 -0.79 -1.69
N ILE B 33 10.45 -1.54 -0.83
CA ILE B 33 11.14 -0.91 0.31
C ILE B 33 12.65 -0.86 0.11
N SER B 34 13.15 -1.65 -0.84
CA SER B 34 14.57 -1.61 -1.19
C SER B 34 14.71 -2.09 -2.63
N ASP B 35 15.91 -2.49 -3.01
CA ASP B 35 16.14 -3.00 -4.35
C ASP B 35 15.74 -4.47 -4.47
N ARG B 36 15.42 -5.11 -3.35
CA ARG B 36 15.13 -6.55 -3.36
C ARG B 36 14.05 -7.00 -2.37
N TRP B 37 13.47 -6.05 -1.65
CA TRP B 37 12.42 -6.40 -0.72
C TRP B 37 11.16 -5.67 -1.08
N VAL B 38 10.06 -6.43 -1.07
CA VAL B 38 8.74 -5.90 -1.36
C VAL B 38 7.82 -6.21 -0.19
N LEU B 39 6.96 -5.26 0.12
CA LEU B 39 6.05 -5.39 1.23
C LEU B 39 4.63 -5.50 0.70
N THR B 40 3.83 -6.37 1.28
CA THR B 40 2.44 -6.50 0.86
C THR B 40 1.61 -7.03 2.02
N ALA B 41 0.35 -7.33 1.74
CA ALA B 41 -0.52 -7.91 2.74
C ALA B 41 -0.49 -9.43 2.60
N ALA B 42 -0.46 -10.11 3.73
CA ALA B 42 -0.45 -11.56 3.76
C ALA B 42 -1.64 -12.18 3.00
N HIS B 43 -2.83 -11.59 3.14
CA HIS B 43 -4.05 -12.20 2.58
C HIS B 43 -4.03 -12.24 1.07
N CYS B 44 -3.09 -11.53 0.47
CA CYS B 44 -2.95 -11.52 -0.97
C CYS B 44 -2.32 -12.80 -1.42
N LEU B 45 -1.56 -13.39 -0.51
CA LEU B 45 -0.76 -14.58 -0.82
C LEU B 45 -1.35 -15.81 -0.17
N LEU B 46 -1.93 -15.62 1.00
CA LEU B 46 -2.44 -16.75 1.75
C LEU B 46 -3.73 -16.40 2.49
N TYR B 47 -4.82 -17.01 2.04
CA TYR B 47 -6.11 -16.87 2.70
C TYR B 47 -6.91 -18.15 2.47
N PRO B 48 -6.64 -19.17 3.29
CA PRO B 48 -7.28 -20.48 3.21
C PRO B 48 -8.79 -20.44 3.02
N PRO B 49 -9.50 -19.64 3.83
CA PRO B 49 -10.95 -19.59 3.74
C PRO B 49 -11.46 -19.42 2.31
N TRP B 50 -10.57 -19.02 1.42
CA TRP B 50 -10.90 -18.77 0.04
C TRP B 50 -10.03 -19.60 -0.89
N ASP B 51 -9.45 -20.69 -0.38
CA ASP B 51 -8.59 -21.57 -1.18
C ASP B 51 -7.46 -20.76 -1.78
N LYS B 52 -6.85 -19.88 -1.00
CA LYS B 52 -5.82 -19.00 -1.52
C LYS B 52 -4.52 -19.34 -0.85
N ASN B 53 -3.54 -19.76 -1.63
CA ASN B 53 -2.24 -20.11 -1.08
C ASN B 53 -1.19 -20.16 -2.16
N PHE B 54 -0.74 -18.98 -2.58
CA PHE B 54 0.28 -18.85 -3.59
C PHE B 54 1.67 -19.05 -3.05
N THR B 55 2.51 -19.68 -3.87
CA THR B 55 3.92 -19.87 -3.57
C THR B 55 4.69 -18.99 -4.55
N GLU B 56 5.99 -18.91 -4.34
CA GLU B 56 6.85 -18.05 -5.11
C GLU B 56 6.67 -18.17 -6.61
N ASN B 57 6.67 -19.40 -7.13
CA ASN B 57 6.59 -19.61 -8.57
C ASN B 57 5.29 -19.16 -9.22
N ASP B 58 4.20 -19.19 -8.45
CA ASP B 58 2.88 -18.81 -8.98
C ASP B 58 2.80 -17.36 -9.40
N LEU B 59 3.69 -16.54 -8.85
CA LEU B 59 3.60 -15.10 -9.02
C LEU B 59 4.84 -14.45 -9.55
N LEU B 60 4.68 -13.18 -9.89
CA LEU B 60 5.79 -12.33 -10.20
C LEU B 60 5.41 -10.90 -9.88
N VAL B 61 6.42 -10.06 -9.70
CA VAL B 61 6.21 -8.69 -9.29
C VAL B 61 6.46 -7.74 -10.46
N ARG B 62 5.61 -6.72 -10.60
CA ARG B 62 5.73 -5.74 -11.66
C ARG B 62 5.88 -4.34 -11.07
N ILE B 63 7.04 -3.72 -11.30
CA ILE B 63 7.38 -2.44 -10.71
C ILE B 63 7.51 -1.34 -11.76
N GLY B 64 7.16 -0.12 -11.36
CA GLY B 64 7.27 1.03 -12.25
C GLY B 64 6.09 1.21 -13.19
N LYS B 65 4.96 0.61 -12.85
CA LYS B 65 3.78 0.67 -13.70
C LYS B 65 2.88 1.86 -13.46
N HIS B 66 1.96 2.07 -14.39
CA HIS B 66 0.99 3.14 -14.30
C HIS B 66 -0.33 2.63 -14.89
N SER B 67 -0.25 2.06 -16.08
CA SER B 67 -1.41 1.46 -16.72
C SER B 67 -1.68 0.12 -16.06
N ARG B 68 -2.96 -0.19 -15.84
CA ARG B 68 -3.35 -1.44 -15.21
C ARG B 68 -3.06 -2.65 -16.07
N THR B 69 -3.37 -2.56 -17.35
CA THR B 69 -3.27 -3.71 -18.23
C THR B 69 -2.07 -3.73 -19.18
N ARG B 70 -1.76 -2.60 -19.80
CA ARG B 70 -0.64 -2.56 -20.74
C ARG B 70 0.69 -3.00 -20.16
N TYR B 71 1.54 -3.52 -21.02
CA TYR B 71 2.91 -3.81 -20.66
C TYR B 71 3.66 -2.56 -21.07
N GLU B 72 4.08 -1.78 -20.09
CA GLU B 72 4.75 -0.50 -20.35
C GLU B 72 6.21 -0.75 -20.69
N ARG B 73 6.45 -0.89 -21.99
CA ARG B 73 7.78 -1.22 -22.54
CA ARG B 73 7.79 -1.23 -22.51
C ARG B 73 8.86 -0.20 -22.16
N ASN B 74 10.05 -0.70 -21.83
CA ASN B 74 11.20 0.15 -21.48
C ASN B 74 10.91 1.07 -20.32
N ILE B 75 10.02 0.64 -19.42
CA ILE B 75 9.64 1.44 -18.28
C ILE B 75 9.44 0.60 -17.05
N GLU B 76 8.58 -0.41 -17.15
CA GLU B 76 8.27 -1.26 -16.01
C GLU B 76 9.26 -2.41 -15.96
N LYS B 77 9.55 -2.87 -14.76
CA LYS B 77 10.47 -3.98 -14.56
C LYS B 77 9.69 -5.13 -13.92
N ILE B 78 9.85 -6.33 -14.47
CA ILE B 78 9.15 -7.51 -13.95
C ILE B 78 10.14 -8.45 -13.30
N SER B 79 9.99 -8.66 -11.99
CA SER B 79 10.90 -9.52 -11.26
C SER B 79 10.16 -10.72 -10.74
N MET B 80 10.95 -11.74 -10.40
CA MET B 80 10.44 -12.97 -9.86
C MET B 80 10.82 -13.00 -8.39
N LEU B 81 10.19 -13.90 -7.65
CA LEU B 81 10.37 -13.96 -6.21
C LEU B 81 11.26 -15.10 -5.78
N GLU B 82 12.25 -14.79 -4.95
CA GLU B 82 13.11 -15.81 -4.39
C GLU B 82 12.42 -16.46 -3.20
N LYS B 83 11.70 -15.68 -2.41
CA LYS B 83 11.12 -16.21 -1.19
C LYS B 83 10.00 -15.31 -0.68
N ILE B 84 9.03 -15.92 -0.03
CA ILE B 84 7.91 -15.21 0.55
C ILE B 84 7.93 -15.45 2.05
N TYR B 85 7.84 -14.38 2.82
CA TYR B 85 7.82 -14.52 4.27
C TYR B 85 6.57 -13.87 4.78
N ILE B 86 5.66 -14.70 5.28
CA ILE B 86 4.41 -14.23 5.83
C ILE B 86 4.55 -14.13 7.33
N HIS B 87 4.00 -13.08 7.91
CA HIS B 87 4.13 -12.94 9.33
C HIS B 87 3.61 -14.23 9.97
N PRO B 88 4.43 -14.88 10.77
CA PRO B 88 4.09 -16.13 11.44
C PRO B 88 2.86 -16.07 12.35
N ARG B 89 2.48 -14.89 12.80
CA ARG B 89 1.30 -14.77 13.65
C ARG B 89 0.12 -14.06 12.93
N TYR B 90 0.18 -14.09 11.61
CA TYR B 90 -0.86 -13.58 10.75
C TYR B 90 -2.10 -14.37 11.04
N ASN B 91 -3.12 -13.69 11.54
CA ASN B 91 -4.35 -14.35 11.92
C ASN B 91 -5.45 -14.36 10.86
N TRP B 92 -5.38 -15.31 9.95
CA TRP B 92 -6.36 -15.41 8.87
C TRP B 92 -7.65 -16.07 9.29
N ARG B 93 -7.61 -16.79 10.40
CA ARG B 93 -8.80 -17.48 10.90
C ARG B 93 -9.84 -16.48 11.36
N GLU B 94 -9.41 -15.30 11.78
CA GLU B 94 -10.34 -14.36 12.34
C GLU B 94 -10.37 -12.99 11.65
N ASN B 95 -9.62 -12.03 12.18
CA ASN B 95 -9.68 -10.63 11.72
C ASN B 95 -8.51 -10.13 10.88
N LEU B 96 -7.68 -11.03 10.37
CA LEU B 96 -6.53 -10.63 9.55
C LEU B 96 -5.53 -9.80 10.35
N ASP B 97 -5.41 -10.06 11.64
CA ASP B 97 -4.43 -9.36 12.45
C ASP B 97 -3.05 -9.66 11.85
N ARG B 98 -2.20 -8.65 11.77
CA ARG B 98 -0.86 -8.80 11.22
C ARG B 98 -0.89 -9.21 9.75
N ASP B 99 -1.73 -8.52 9.00
CA ASP B 99 -1.87 -8.78 7.58
C ASP B 99 -0.66 -8.17 6.86
N ILE B 100 0.47 -8.84 6.97
CA ILE B 100 1.69 -8.32 6.37
C ILE B 100 2.58 -9.45 5.86
N ALA B 101 3.34 -9.17 4.81
CA ALA B 101 4.22 -10.17 4.25
C ALA B 101 5.34 -9.49 3.51
N LEU B 102 6.49 -10.14 3.51
CA LEU B 102 7.64 -9.67 2.76
C LEU B 102 7.92 -10.64 1.65
N MET B 103 8.40 -10.12 0.54
CA MET B 103 8.76 -10.94 -0.60
C MET B 103 10.16 -10.54 -1.05
N LYS B 104 11.06 -11.51 -1.13
CA LYS B 104 12.40 -11.22 -1.59
C LYS B 104 12.47 -11.52 -3.07
N LEU B 105 13.04 -10.60 -3.84
CA LEU B 105 13.20 -10.78 -5.27
C LEU B 105 14.39 -11.69 -5.57
N LYS B 106 14.35 -12.38 -6.70
CA LYS B 106 15.43 -13.30 -7.08
C LYS B 106 16.71 -12.51 -7.33
N LYS B 107 16.55 -11.37 -7.98
CA LYS B 107 17.67 -10.52 -8.31
C LYS B 107 17.27 -9.08 -8.00
N PRO B 108 18.21 -8.30 -7.49
CA PRO B 108 17.94 -6.92 -7.20
C PRO B 108 17.51 -6.17 -8.44
N VAL B 109 16.66 -5.19 -8.26
CA VAL B 109 16.17 -4.39 -9.37
C VAL B 109 16.91 -3.05 -9.39
N ALA B 110 16.99 -2.43 -10.55
CA ALA B 110 17.64 -1.14 -10.68
C ALA B 110 16.60 -0.06 -10.54
N PHE B 111 16.94 1.01 -9.84
CA PHE B 111 15.99 2.10 -9.64
C PHE B 111 15.90 2.94 -10.91
N SER B 112 14.99 3.90 -10.92
CA SER B 112 14.80 4.73 -12.08
C SER B 112 13.89 5.88 -11.70
N ASP B 113 13.43 6.63 -12.70
CA ASP B 113 12.55 7.74 -12.41
C ASP B 113 11.18 7.25 -12.02
N TYR B 114 10.92 5.99 -12.33
CA TYR B 114 9.61 5.39 -12.06
C TYR B 114 9.67 4.26 -11.04
N ILE B 115 10.88 3.87 -10.65
CA ILE B 115 11.07 2.79 -9.71
C ILE B 115 11.96 3.23 -8.56
N HIS B 116 11.34 3.57 -7.44
CA HIS B 116 12.09 4.05 -6.30
C HIS B 116 11.45 3.55 -5.01
N PRO B 117 12.25 3.15 -4.03
CA PRO B 117 11.70 2.65 -2.78
C PRO B 117 11.20 3.73 -1.82
N VAL B 118 10.22 3.36 -1.01
CA VAL B 118 9.67 4.23 0.00
C VAL B 118 10.38 3.91 1.32
N CYS B 119 10.31 4.84 2.27
CA CYS B 119 10.95 4.67 3.56
C CYS B 119 10.04 3.95 4.54
N LEU B 120 10.64 3.17 5.44
CA LEU B 120 9.89 2.58 6.54
C LEU B 120 9.95 3.59 7.66
N PRO B 121 8.88 3.68 8.46
CA PRO B 121 8.88 4.66 9.54
C PRO B 121 9.76 4.32 10.73
N ASP B 122 10.23 5.35 11.41
CA ASP B 122 10.99 5.19 12.64
C ASP B 122 10.04 5.65 13.76
N ARG B 123 10.42 5.45 15.02
CA ARG B 123 9.54 5.82 16.12
C ARG B 123 9.11 7.28 16.11
N GLU B 124 10.04 8.19 15.84
CA GLU B 124 9.73 9.63 15.85
C GLU B 124 8.71 9.99 14.78
N THR B 125 8.95 9.54 13.56
CA THR B 125 8.06 9.80 12.44
C THR B 125 6.68 9.22 12.72
N ALA B 126 6.68 8.02 13.26
CA ALA B 126 5.42 7.37 13.60
C ALA B 126 4.69 8.14 14.67
N ALA B 127 5.44 8.64 15.65
CA ALA B 127 4.87 9.36 16.79
C ALA B 127 4.24 10.68 16.38
N SER B 128 4.90 11.40 15.49
CA SER B 128 4.41 12.69 15.07
C SER B 128 3.35 12.67 13.96
N LEU B 129 3.29 11.60 13.18
CA LEU B 129 2.37 11.58 12.03
C LEU B 129 1.14 10.69 12.21
N LEU B 130 1.20 9.70 13.08
CA LEU B 130 0.04 8.84 13.28
C LEU B 130 -0.94 9.50 14.23
N GLN B 131 -1.67 10.47 13.70
CA GLN B 131 -2.58 11.24 14.50
C GLN B 131 -3.90 11.39 13.75
N ALA B 132 -5.00 11.21 14.47
CA ALA B 132 -6.31 11.41 13.88
C ALA B 132 -6.30 12.73 13.15
N GLY B 133 -6.96 12.77 11.99
CA GLY B 133 -7.06 13.98 11.21
C GLY B 133 -5.92 14.15 10.24
N TYR B 134 -4.76 13.60 10.59
CA TYR B 134 -3.62 13.68 9.69
C TYR B 134 -3.89 12.78 8.49
N LYS B 135 -3.54 13.24 7.30
CA LYS B 135 -3.85 12.49 6.10
C LYS B 135 -2.66 11.79 5.49
N GLY B 136 -2.95 10.62 4.95
CA GLY B 136 -2.00 9.83 4.21
C GLY B 136 -2.56 9.64 2.82
N ARG B 137 -1.81 8.93 1.98
CA ARG B 137 -2.21 8.69 0.61
C ARG B 137 -2.21 7.20 0.28
N VAL B 138 -3.31 6.73 -0.31
CA VAL B 138 -3.42 5.33 -0.71
C VAL B 138 -3.48 5.21 -2.24
N THR B 139 -2.69 4.31 -2.81
CA THR B 139 -2.70 4.08 -4.24
C THR B 139 -2.95 2.61 -4.64
N GLY B 140 -3.57 2.42 -5.79
CA GLY B 140 -3.80 1.07 -6.25
C GLY B 140 -4.57 0.96 -7.54
N TRP B 141 -4.62 -0.25 -8.07
CA TRP B 141 -5.37 -0.54 -9.29
C TRP B 141 -6.65 -1.32 -8.98
N GLY B 142 -7.14 -1.22 -7.76
CA GLY B 142 -8.32 -1.95 -7.33
C GLY B 142 -9.59 -1.38 -7.90
N ASN B 143 -10.71 -1.91 -7.43
CA ASN B 143 -12.02 -1.52 -7.94
C ASN B 143 -12.46 -0.11 -7.62
N LEU B 144 -13.28 0.43 -8.51
CA LEU B 144 -13.80 1.80 -8.41
C LEU B 144 -15.15 1.83 -7.74
N LYS B 145 -15.66 0.64 -7.42
CA LYS B 145 -16.96 0.48 -6.80
C LYS B 145 -17.04 -0.92 -6.26
N GLU B 146 -18.18 -1.26 -5.67
CA GLU B 146 -18.43 -2.62 -5.19
C GLU B 146 -18.87 -3.46 -6.38
N THR B 147 -17.93 -4.22 -6.92
CA THR B 147 -18.17 -5.01 -8.12
C THR B 147 -19.00 -6.25 -7.89
N TRP B 148 -19.17 -6.65 -6.64
CA TRP B 148 -19.90 -7.88 -6.34
C TRP B 148 -21.40 -7.67 -6.38
N THR B 149 -21.82 -6.50 -6.78
CA THR B 149 -23.23 -6.26 -6.92
C THR B 149 -23.45 -5.24 -8.01
N ALA B 150 -24.59 -5.33 -8.69
CA ALA B 150 -24.92 -4.42 -9.77
C ALA B 150 -24.75 -2.98 -9.31
N ASN B 151 -23.86 -2.26 -9.97
CA ASN B 151 -23.57 -0.87 -9.65
C ASN B 151 -23.15 -0.17 -10.92
N VAL B 152 -23.45 1.13 -11.00
CA VAL B 152 -23.13 1.88 -12.20
C VAL B 152 -21.68 2.31 -12.19
N GLY B 153 -21.06 2.32 -13.36
CA GLY B 153 -19.68 2.78 -13.50
C GLY B 153 -18.74 1.67 -13.92
N LYS B 154 -17.48 2.02 -14.15
CA LYS B 154 -16.46 1.05 -14.49
C LYS B 154 -16.09 0.31 -13.20
N GLY B 155 -15.42 -0.82 -13.33
CA GLY B 155 -15.02 -1.61 -12.17
C GLY B 155 -13.57 -1.37 -11.86
N GLN B 156 -12.72 -1.41 -12.89
CA GLN B 156 -11.30 -1.18 -12.71
C GLN B 156 -10.84 0.00 -13.54
N PRO B 157 -9.84 0.72 -13.05
CA PRO B 157 -9.28 1.86 -13.72
C PRO B 157 -8.29 1.50 -14.81
N SER B 158 -8.08 2.41 -15.74
CA SER B 158 -7.15 2.20 -16.82
C SER B 158 -5.77 2.40 -16.22
N VAL B 159 -5.74 3.35 -15.29
CA VAL B 159 -4.50 3.79 -14.70
C VAL B 159 -4.50 3.73 -13.17
N LEU B 160 -3.31 3.64 -12.59
CA LEU B 160 -3.13 3.69 -11.15
C LEU B 160 -3.92 4.83 -10.54
N GLN B 161 -4.71 4.51 -9.52
CA GLN B 161 -5.52 5.49 -8.83
C GLN B 161 -4.86 5.95 -7.54
N VAL B 162 -5.26 7.11 -7.06
CA VAL B 162 -4.70 7.68 -5.84
C VAL B 162 -5.78 8.43 -5.08
N VAL B 163 -5.64 8.47 -3.76
CA VAL B 163 -6.60 9.17 -2.91
C VAL B 163 -5.95 9.48 -1.58
N ASN B 164 -6.20 10.69 -1.08
CA ASN B 164 -5.67 11.14 0.20
C ASN B 164 -6.76 10.97 1.26
N LEU B 165 -6.42 10.33 2.37
CA LEU B 165 -7.40 10.06 3.41
C LEU B 165 -6.87 10.34 4.80
N PRO B 166 -7.76 10.78 5.69
CA PRO B 166 -7.38 11.10 7.05
C PRO B 166 -7.48 9.92 8.01
N ILE B 167 -6.49 9.79 8.88
CA ILE B 167 -6.52 8.79 9.93
C ILE B 167 -7.67 9.09 10.88
N VAL B 168 -8.31 8.04 11.37
CA VAL B 168 -9.48 8.19 12.21
C VAL B 168 -9.26 7.74 13.64
N GLU B 169 -9.89 8.45 14.57
CA GLU B 169 -9.75 8.15 16.00
C GLU B 169 -10.08 6.69 16.23
N ARG B 170 -9.26 6.02 17.02
CA ARG B 170 -9.41 4.59 17.23
C ARG B 170 -10.77 4.16 17.80
N PRO B 171 -11.35 4.98 18.69
CA PRO B 171 -12.67 4.61 19.20
C PRO B 171 -13.74 4.63 18.11
N VAL B 172 -13.56 5.52 17.13
CA VAL B 172 -14.48 5.57 16.01
C VAL B 172 -14.30 4.35 15.12
N CYS B 173 -13.05 3.97 14.85
CA CYS B 173 -12.80 2.79 14.03
C CYS B 173 -13.55 1.62 14.64
N LYS B 174 -13.30 1.41 15.93
CA LYS B 174 -13.85 0.29 16.68
C LYS B 174 -15.38 0.25 16.66
N ASP B 175 -16.00 1.41 16.77
CA ASP B 175 -17.48 1.47 16.80
C ASP B 175 -18.11 1.36 15.42
N SER B 176 -17.30 1.36 14.37
CA SER B 176 -17.84 1.30 13.00
C SER B 176 -17.97 -0.12 12.48
N THR B 177 -17.55 -1.09 13.28
CA THR B 177 -17.55 -2.46 12.81
C THR B 177 -17.67 -3.48 13.95
N ARG B 178 -18.15 -4.67 13.59
CA ARG B 178 -18.31 -5.76 14.54
C ARG B 178 -17.04 -6.60 14.53
N ILE B 179 -16.23 -6.41 13.50
CA ILE B 179 -14.96 -7.11 13.40
C ILE B 179 -13.98 -6.57 14.45
N ARG B 180 -13.22 -7.46 15.07
CA ARG B 180 -12.33 -7.08 16.16
C ARG B 180 -11.08 -6.37 15.68
N ILE B 181 -10.96 -5.10 16.05
CA ILE B 181 -9.81 -4.28 15.72
C ILE B 181 -8.66 -4.56 16.66
N THR B 182 -7.43 -4.55 16.16
CA THR B 182 -6.24 -4.75 17.00
C THR B 182 -5.27 -3.60 16.85
N ASP B 183 -4.35 -3.49 17.79
CA ASP B 183 -3.36 -2.43 17.75
C ASP B 183 -2.56 -2.46 16.46
N ASN B 184 -2.45 -3.63 15.85
CA ASN B 184 -1.71 -3.77 14.61
C ASN B 184 -2.47 -3.26 13.39
N MET B 185 -3.53 -2.51 13.64
CA MET B 185 -4.33 -1.97 12.56
C MET B 185 -4.63 -0.53 12.86
N PHE B 186 -5.06 0.20 11.83
CA PHE B 186 -5.61 1.53 12.01
C PHE B 186 -6.56 1.79 10.86
N CYS B 187 -7.56 2.64 11.09
CA CYS B 187 -8.49 2.92 10.01
C CYS B 187 -8.30 4.35 9.56
N ALA B 188 -8.76 4.61 8.35
CA ALA B 188 -8.64 5.91 7.73
C ALA B 188 -9.84 6.13 6.82
N GLY B 189 -10.16 7.40 6.57
CA GLY B 189 -11.30 7.76 5.73
C GLY B 189 -12.10 8.92 6.30
N TYR B 190 -12.87 9.58 5.45
CA TYR B 190 -13.68 10.70 5.89
C TYR B 190 -14.93 10.22 6.60
N LYS B 191 -15.44 11.04 7.49
CA LYS B 191 -16.65 10.71 8.24
C LYS B 191 -17.84 11.12 7.37
N PRO B 192 -19.04 10.62 7.71
CA PRO B 192 -20.23 10.84 6.87
C PRO B 192 -20.50 12.30 6.58
N ASP B 193 -20.56 13.10 7.63
CA ASP B 193 -20.83 14.51 7.47
C ASP B 193 -19.52 15.28 7.56
N GLU B 194 -18.61 14.99 6.61
CA GLU B 194 -17.30 15.62 6.63
C GLU B 194 -16.89 16.12 5.25
N GLY B 195 -17.79 16.05 4.29
CA GLY B 195 -17.53 16.63 2.98
C GLY B 195 -17.05 15.68 1.89
N LYS B 196 -15.77 15.34 1.91
CA LYS B 196 -15.21 14.45 0.89
C LYS B 196 -15.49 12.97 1.17
N ARG B 197 -15.20 12.13 0.18
CA ARG B 197 -15.33 10.66 0.29
C ARG B 197 -14.02 10.05 -0.17
N GLY B 198 -14.02 8.73 -0.27
CA GLY B 198 -12.84 7.99 -0.73
C GLY B 198 -12.57 6.78 0.15
N ASP B 199 -11.90 5.79 -0.44
CA ASP B 199 -11.58 4.55 0.25
C ASP B 199 -10.82 3.66 -0.70
N ALA B 200 -10.22 2.60 -0.15
CA ALA B 200 -9.59 1.59 -0.99
C ALA B 200 -10.66 0.52 -1.17
N CYS B 201 -10.36 -0.54 -1.91
CA CYS B 201 -11.37 -1.53 -2.21
C CYS B 201 -10.69 -2.85 -2.58
N GLU B 202 -11.47 -3.87 -2.92
CA GLU B 202 -10.89 -5.14 -3.33
C GLU B 202 -9.90 -4.89 -4.45
N GLY B 203 -8.73 -5.51 -4.36
CA GLY B 203 -7.69 -5.33 -5.38
C GLY B 203 -6.64 -4.30 -5.00
N ASP B 204 -6.94 -3.46 -4.01
CA ASP B 204 -5.97 -2.47 -3.52
C ASP B 204 -5.14 -3.04 -2.37
N SER B 205 -5.56 -4.19 -1.81
CA SER B 205 -4.83 -4.83 -0.72
C SER B 205 -3.36 -4.92 -1.01
N GLY B 206 -2.54 -4.72 0.02
CA GLY B 206 -1.10 -4.78 -0.14
C GLY B 206 -0.52 -3.45 -0.54
N GLY B 207 -1.39 -2.56 -1.00
CA GLY B 207 -0.97 -1.22 -1.40
C GLY B 207 -0.55 -0.41 -0.20
N PRO B 208 0.35 0.54 -0.40
CA PRO B 208 0.85 1.37 0.69
C PRO B 208 -0.04 2.54 1.04
N PHE B 209 -0.07 2.87 2.33
CA PHE B 209 -0.69 4.08 2.86
C PHE B 209 0.53 4.88 3.31
N VAL B 210 0.86 5.92 2.54
CA VAL B 210 2.06 6.69 2.81
C VAL B 210 1.75 8.09 3.30
N MET B 211 2.70 8.66 4.04
CA MET B 211 2.61 10.04 4.51
C MET B 211 3.94 10.75 4.23
N LYS B 212 3.87 12.02 3.86
CA LYS B 212 5.09 12.79 3.58
C LYS B 212 5.50 13.51 4.84
N SER B 213 6.77 13.36 5.19
CA SER B 213 7.31 13.98 6.41
C SER B 213 7.67 15.43 6.16
N PRO B 214 7.06 16.32 6.93
CA PRO B 214 7.37 17.73 6.82
C PRO B 214 8.78 18.02 7.34
N PHE B 215 9.31 17.10 8.13
CA PHE B 215 10.63 17.25 8.73
C PHE B 215 11.80 16.87 7.82
N ASN B 216 11.54 16.17 6.73
CA ASN B 216 12.62 15.80 5.82
C ASN B 216 12.19 15.54 4.39
N ASN B 217 10.94 15.88 4.06
CA ASN B 217 10.41 15.69 2.72
C ASN B 217 10.48 14.27 2.18
N ARG B 218 10.57 13.30 3.07
CA ARG B 218 10.61 11.90 2.64
C ARG B 218 9.25 11.27 2.83
N TRP B 219 8.91 10.38 1.90
CA TRP B 219 7.68 9.62 1.99
C TRP B 219 7.91 8.36 2.84
N TYR B 220 6.96 8.11 3.73
CA TYR B 220 7.01 6.97 4.62
C TYR B 220 5.73 6.12 4.51
N GLN B 221 5.90 4.81 4.56
CA GLN B 221 4.75 3.93 4.53
C GLN B 221 4.28 3.65 5.95
N MET B 222 3.14 4.18 6.31
CA MET B 222 2.62 4.00 7.66
C MET B 222 1.69 2.80 7.74
N GLY B 223 1.14 2.39 6.60
CA GLY B 223 0.18 1.31 6.56
C GLY B 223 0.17 0.49 5.27
N ILE B 224 -0.63 -0.56 5.29
CA ILE B 224 -0.80 -1.47 4.15
C ILE B 224 -2.29 -1.71 4.01
N VAL B 225 -2.83 -1.53 2.82
CA VAL B 225 -4.26 -1.76 2.66
C VAL B 225 -4.56 -3.19 3.08
N SER B 226 -5.37 -3.37 4.12
CA SER B 226 -5.70 -4.69 4.63
C SER B 226 -7.13 -5.16 4.40
N TRP B 227 -8.12 -4.43 4.91
CA TRP B 227 -9.51 -4.83 4.75
C TRP B 227 -10.54 -3.69 4.91
N GLY B 228 -11.80 -4.04 4.69
CA GLY B 228 -12.91 -3.11 4.83
C GLY B 228 -14.24 -3.84 4.65
N GLU B 229 -15.35 -3.16 4.85
CA GLU B 229 -16.66 -3.79 4.66
C GLU B 229 -17.37 -2.92 3.64
N GLY B 230 -17.50 -3.44 2.43
CA GLY B 230 -18.00 -2.65 1.33
C GLY B 230 -16.88 -1.71 0.96
N CYS B 231 -17.17 -0.72 0.12
CA CYS B 231 -16.20 0.29 -0.26
C CYS B 231 -16.83 1.66 -0.17
N ASP B 232 -16.13 2.57 0.47
CA ASP B 232 -16.56 3.96 0.53
C ASP B 232 -17.96 4.14 1.08
N ARG B 233 -18.36 3.30 2.02
CA ARG B 233 -19.67 3.46 2.64
C ARG B 233 -19.64 4.46 3.79
N ASP B 234 -20.75 5.19 3.95
CA ASP B 234 -20.85 6.14 5.04
C ASP B 234 -20.78 5.37 6.34
N GLY B 235 -20.01 5.89 7.30
CA GLY B 235 -19.89 5.26 8.62
C GLY B 235 -18.96 4.05 8.66
N LYS B 236 -18.31 3.80 7.53
CA LYS B 236 -17.37 2.70 7.40
C LYS B 236 -16.00 3.26 7.03
N TYR B 237 -14.95 2.61 7.50
CA TYR B 237 -13.59 3.09 7.24
C TYR B 237 -12.70 1.96 6.77
N GLY B 238 -11.77 2.26 5.87
CA GLY B 238 -10.83 1.26 5.43
C GLY B 238 -9.82 0.95 6.53
N PHE B 239 -9.42 -0.32 6.64
CA PHE B 239 -8.44 -0.69 7.65
C PHE B 239 -7.10 -1.02 7.02
N TYR B 240 -6.05 -0.71 7.78
CA TYR B 240 -4.70 -0.82 7.29
C TYR B 240 -3.81 -1.47 8.34
N THR B 241 -2.91 -2.31 7.86
CA THR B 241 -1.94 -2.93 8.71
C THR B 241 -1.05 -1.79 9.25
N HIS B 242 -0.83 -1.77 10.56
CA HIS B 242 -0.02 -0.73 11.21
C HIS B 242 1.45 -1.11 11.02
N VAL B 243 2.06 -0.60 9.98
CA VAL B 243 3.43 -0.98 9.67
C VAL B 243 4.45 -0.75 10.79
N PHE B 244 4.35 0.36 11.51
CA PHE B 244 5.33 0.63 12.55
C PHE B 244 5.28 -0.39 13.68
N ARG B 245 4.08 -0.77 14.10
CA ARG B 245 3.96 -1.79 15.13
C ARG B 245 4.49 -3.16 14.68
N LEU B 246 4.74 -3.35 13.38
CA LEU B 246 5.28 -4.63 12.89
C LEU B 246 6.69 -4.43 12.36
N LYS B 247 7.19 -3.22 12.55
CA LYS B 247 8.52 -2.86 12.14
C LYS B 247 9.56 -3.85 12.66
N LYS B 248 9.45 -4.27 13.92
CA LYS B 248 10.42 -5.23 14.50
C LYS B 248 10.52 -6.48 13.64
N TRP B 249 9.39 -7.13 13.42
CA TRP B 249 9.40 -8.33 12.57
C TRP B 249 10.02 -8.03 11.22
N ILE B 250 9.61 -6.93 10.62
CA ILE B 250 10.12 -6.58 9.30
C ILE B 250 11.63 -6.58 9.34
N GLN B 251 12.21 -5.83 10.28
CA GLN B 251 13.64 -5.71 10.34
C GLN B 251 14.39 -7.01 10.71
N LYS B 252 13.77 -7.90 11.49
CA LYS B 252 14.40 -9.19 11.77
C LYS B 252 14.60 -9.98 10.49
N VAL B 253 13.59 -9.99 9.64
CA VAL B 253 13.65 -10.74 8.40
C VAL B 253 14.64 -10.12 7.40
N ILE B 254 14.50 -8.82 7.17
CA ILE B 254 15.33 -8.13 6.22
C ILE B 254 16.83 -8.13 6.57
N ASP B 255 17.13 -7.92 7.84
CA ASP B 255 18.51 -7.81 8.30
C ASP B 255 19.11 -9.15 8.72
N GLN B 256 18.32 -10.21 8.63
CA GLN B 256 18.71 -11.52 9.13
C GLN B 256 19.95 -12.14 8.47
N PHE B 257 20.11 -11.93 7.18
CA PHE B 257 21.27 -12.47 6.47
C PHE B 257 22.04 -11.37 5.76
N GLY B 258 23.28 -11.68 5.37
CA GLY B 258 24.06 -10.81 4.52
C GLY B 258 23.67 -11.17 3.09
C1 NAG D . 0.18 -23.63 1.52
C2 NAG D . -0.07 -24.39 2.83
C3 NAG D . 1.08 -25.30 3.26
C4 NAG D . 1.78 -25.99 2.10
C5 NAG D . 2.02 -25.02 0.96
C6 NAG D . 2.70 -25.70 -0.23
C7 NAG D . -1.37 -23.34 4.61
C8 NAG D . -1.31 -22.39 5.77
N2 NAG D . -0.22 -23.49 3.95
O3 NAG D . 0.57 -26.26 4.17
O4 NAG D . 3.04 -26.52 2.57
O5 NAG D . 0.77 -24.49 0.54
O6 NAG D . 2.84 -24.76 -1.29
O7 NAG D . -2.39 -23.91 4.30
C1 NAG D . 2.89 -27.92 2.86
C2 NAG D . 4.25 -28.60 2.75
C3 NAG D . 4.28 -30.01 3.33
C4 NAG D . 3.47 -30.11 4.63
C5 NAG D . 2.09 -29.52 4.38
C6 NAG D . 1.13 -29.76 5.55
C7 NAG D . 5.50 -27.81 0.81
C8 NAG D . 5.80 -27.99 -0.65
N2 NAG D . 4.64 -28.66 1.35
O3 NAG D . 5.64 -30.39 3.55
O4 NAG D . 3.35 -31.48 5.04
O5 NAG D . 2.29 -28.14 4.13
O6 NAG D . 1.22 -28.67 6.48
O7 NAG D . 6.02 -26.92 1.48
C1 BMA D . 4.49 -31.87 5.82
C2 BMA D . 4.04 -32.69 7.04
C3 BMA D . 5.23 -33.27 7.81
C4 BMA D . 6.26 -33.87 6.87
C5 BMA D . 6.62 -32.84 5.81
C6 BMA D . 7.79 -33.23 4.92
O2 BMA D . 3.19 -33.76 6.63
O3 BMA D . 4.73 -34.27 8.73
O4 BMA D . 7.45 -34.24 7.60
O5 BMA D . 5.44 -32.61 5.04
O6 BMA D . 8.74 -32.14 4.92
C1 MAN D . 9.14 -31.82 3.58
C2 MAN D . 9.61 -30.36 3.55
C3 MAN D . 9.58 -29.82 2.13
C4 MAN D . 9.68 -30.97 1.13
C5 MAN D . 8.47 -31.89 1.25
C6 MAN D . 8.72 -33.24 0.57
O2 MAN D . 10.98 -30.29 3.99
O3 MAN D . 10.69 -28.93 1.95
O4 MAN D . 9.76 -30.44 -0.19
O5 MAN D . 8.09 -32.03 2.63
O6 MAN D . 8.39 -34.33 1.44
C1 NAG D . 11.23 -29.25 4.98
C2 NAG D . 12.69 -28.83 4.84
C3 NAG D . 13.09 -27.49 5.49
C4 NAG D . 11.95 -26.60 6.02
C5 NAG D . 10.60 -27.31 6.07
C6 NAG D . 9.45 -26.32 6.22
C7 NAG D . 13.88 -30.93 4.65
C8 NAG D . 14.70 -31.98 5.33
N2 NAG D . 13.50 -29.90 5.38
O3 NAG D . 13.82 -26.74 4.52
O4 NAG D . 12.27 -26.14 7.34
O5 NAG D . 10.41 -28.09 4.89
O6 NAG D . 9.70 -25.19 5.37
O7 NAG D . 13.57 -31.03 3.47
C1 GAL D . 13.02 -24.89 7.35
C2 GAL D . 12.57 -24.04 8.54
C3 GAL D . 13.38 -22.75 8.68
C4 GAL D . 14.87 -22.98 8.57
C5 GAL D . 15.21 -23.92 7.40
C6 GAL D . 16.70 -24.25 7.37
O2 GAL D . 11.19 -23.70 8.39
O3 GAL D . 13.11 -22.13 9.96
O4 GAL D . 15.34 -23.48 9.83
O5 GAL D . 14.43 -25.12 7.47
O6 GAL D . 16.95 -25.57 6.87
C1 SIA D . 19.21 -25.97 7.34
C2 SIA D . 17.87 -26.55 6.88
C3 SIA D . 17.85 -26.62 5.35
C4 SIA D . 18.93 -27.57 4.87
C5 SIA D . 18.77 -28.96 5.49
C6 SIA D . 18.56 -28.89 7.01
C7 SIA D . 18.10 -30.25 7.53
C8 SIA D . 17.74 -30.23 9.01
C9 SIA D . 18.99 -30.24 9.89
C10 SIA D . 19.92 -31.02 4.79
C11 SIA D . 21.25 -31.65 4.48
N5 SIA D . 19.96 -29.75 5.17
O1A SIA D . 19.63 -24.92 6.79
O1B SIA D . 19.85 -26.54 8.26
O4 SIA D . 18.90 -27.67 3.44
O6 SIA D . 17.62 -27.87 7.39
O7 SIA D . 16.96 -30.69 6.79
O8 SIA D . 16.94 -29.08 9.29
O9 SIA D . 19.23 -31.55 10.41
O10 SIA D . 18.87 -31.65 4.69
N 0G6 E . -14.79 -7.50 3.29
CA 0G6 E . -13.89 -8.36 4.04
C 0G6 E . -12.46 -8.06 3.65
O 0G6 E . -12.02 -6.92 3.62
CB 0G6 E . -14.14 -8.10 5.52
CG 0G6 E . -13.30 -9.03 6.35
CD1 0G6 E . -13.60 -10.37 6.42
CD2 0G6 E . -12.22 -8.53 7.06
CE1 0G6 E . -12.82 -11.22 7.19
CE2 0G6 E . -11.44 -9.37 7.85
CZ 0G6 E . -11.73 -10.72 7.90
N1 0G6 E . -11.68 -9.07 3.33
CA1 0G6 E . -10.32 -8.80 2.93
C1 0G6 E . -10.25 -8.05 1.65
O1 0G6 E . -11.11 -8.21 0.82
CB1 0G6 E . -9.67 -10.14 2.71
CG1 0G6 E . -10.71 -11.20 3.03
CD 0G6 E . -12.01 -10.49 3.35
N2 0G6 E . -9.20 -7.25 1.51
CA2 0G6 E . -8.97 -6.48 0.30
C2 0G6 E . -7.64 -6.88 -0.34
O2 0G6 E . -7.74 -6.50 -1.73
CB2 0G6 E . -8.97 -5.00 0.62
CG2 0G6 E . -10.36 -4.50 1.00
CD3 0G6 E . -10.29 -3.07 1.49
NE 0G6 E . -11.61 -2.50 1.62
CZ1 0G6 E . -11.82 -1.24 1.97
NH1 0G6 E . -13.05 -0.77 2.07
NH2 0G6 E . -10.79 -0.44 2.24
C3 0G6 E . -7.33 -8.37 -0.27
NA NA F . -16.80 5.49 4.75
NA NA G . 3.24 1.53 -29.44
C1 GOL H . -2.58 8.59 -20.31
O1 GOL H . -2.68 7.72 -19.18
C2 GOL H . -1.41 9.54 -20.13
O2 GOL H . -1.86 10.85 -19.76
C3 GOL H . -0.45 9.00 -19.08
O3 GOL H . 0.73 9.81 -19.06
#